data_4K46
#
_entry.id   4K46
#
_cell.length_a   42.590
_cell.length_b   70.230
_cell.length_c   71.680
_cell.angle_alpha   90.000
_cell.angle_beta   90.000
_cell.angle_gamma   90.000
#
_symmetry.space_group_name_H-M   'P 21 21 21'
#
loop_
_entity.id
_entity.type
_entity.pdbx_description
1 polymer 'Adenylate kinase'
2 non-polymer "ADENOSINE-5'-DIPHOSPHATE"
3 non-polymer 'ADENOSINE MONOPHOSPHATE'
4 non-polymer 'PHOSPHATE ION'
5 water water
#
_entity_poly.entity_id   1
_entity_poly.type   'polypeptide(L)'
_entity_poly.pdbx_seq_one_letter_code
;MRIILLGAPGAGKGTQAQFIMAKFGIPQISTGDMLRAAIKAGTELGKQAKSVIDAGQLVSDDIILGLVKERIAQDDCAKG
FLLDGFPRTIPQADGLKEVGVVVDYVIEFDVADSVIVERMAGRRAHLASGRTYHNVYNPPKVEGKDDVTGEDLVIREDDK
EETVLARLGVYHNQTAPLIAYYGKEAEAGNTQYLKFDGTKAVAEVSAELEKALA
;
_entity_poly.pdbx_strand_id   A
#
loop_
_chem_comp.id
_chem_comp.type
_chem_comp.name
_chem_comp.formula
ADP non-polymer ADENOSINE-5'-DIPHOSPHATE 'C10 H15 N5 O10 P2'
AMP non-polymer 'ADENOSINE MONOPHOSPHATE' 'C10 H14 N5 O7 P'
PO4 non-polymer 'PHOSPHATE ION' 'O4 P -3'
#
# COMPACT_ATOMS: atom_id res chain seq x y z
N MET A 1 7.20 10.07 13.08
CA MET A 1 6.45 8.81 13.04
C MET A 1 6.63 8.13 11.67
N ARG A 2 7.26 6.96 11.65
CA ARG A 2 7.47 6.21 10.42
C ARG A 2 6.80 4.85 10.52
N ILE A 3 6.00 4.52 9.53
CA ILE A 3 5.14 3.34 9.59
C ILE A 3 5.17 2.56 8.27
N ILE A 4 5.29 1.23 8.37
CA ILE A 4 5.15 0.35 7.21
C ILE A 4 3.85 -0.43 7.32
N LEU A 5 3.08 -0.46 6.23
CA LEU A 5 1.86 -1.26 6.15
C LEU A 5 2.13 -2.52 5.31
N LEU A 6 1.81 -3.69 5.85
CA LEU A 6 1.99 -4.93 5.11
C LEU A 6 0.62 -5.59 4.94
N GLY A 7 0.46 -6.36 3.85
CA GLY A 7 -0.74 -7.17 3.67
C GLY A 7 -0.96 -7.43 2.19
N ALA A 8 -1.76 -8.44 1.87
CA ALA A 8 -2.08 -8.78 0.49
C ALA A 8 -2.61 -7.56 -0.28
N PRO A 9 -2.39 -7.53 -1.60
CA PRO A 9 -3.02 -6.47 -2.40
C PRO A 9 -4.53 -6.57 -2.17
N GLY A 10 -5.17 -5.44 -1.87
CA GLY A 10 -6.59 -5.44 -1.57
C GLY A 10 -6.94 -5.66 -0.10
N ALA A 11 -5.93 -5.77 0.75
CA ALA A 11 -6.15 -6.04 2.18
C ALA A 11 -6.76 -4.84 2.92
N GLY A 12 -6.54 -3.64 2.40
CA GLY A 12 -7.09 -2.44 2.99
C GLY A 12 -6.02 -1.46 3.48
N LYS A 13 -4.80 -1.63 3.01
CA LYS A 13 -3.67 -0.78 3.41
C LYS A 13 -3.90 0.70 3.06
N GLY A 14 -4.21 0.97 1.80
CA GLY A 14 -4.43 2.34 1.35
C GLY A 14 -5.60 2.99 2.06
N THR A 15 -6.63 2.20 2.37
CA THR A 15 -7.80 2.70 3.08
C THR A 15 -7.42 3.14 4.51
N GLN A 16 -6.65 2.31 5.21
CA GLN A 16 -6.26 2.62 6.57
C GLN A 16 -5.16 3.68 6.61
N ALA A 17 -4.38 3.76 5.54
CA ALA A 17 -3.37 4.81 5.40
C ALA A 17 -3.99 6.20 5.54
N GLN A 18 -5.20 6.37 4.99
CA GLN A 18 -5.92 7.65 5.06
C GLN A 18 -6.16 8.06 6.51
N PHE A 19 -6.67 7.11 7.28
CA PHE A 19 -6.91 7.29 8.70
C PHE A 19 -5.60 7.63 9.43
N ILE A 20 -4.55 6.87 9.15
CA ILE A 20 -3.26 7.08 9.79
C ILE A 20 -2.61 8.41 9.42
N MET A 21 -2.68 8.75 8.14
CA MET A 21 -2.14 10.03 7.65
C MET A 21 -2.74 11.21 8.40
N ALA A 22 -4.06 11.19 8.56
CA ALA A 22 -4.78 12.27 9.23
C ALA A 22 -4.53 12.30 10.75
N LYS A 23 -4.34 11.13 11.35
CA LYS A 23 -4.04 11.02 12.78
C LYS A 23 -2.64 11.53 13.13
N PHE A 24 -1.66 11.22 12.30
CA PHE A 24 -0.27 11.58 12.59
C PHE A 24 0.26 12.74 11.77
N GLY A 25 -0.50 13.17 10.77
CA GLY A 25 -0.06 14.25 9.91
C GLY A 25 1.25 13.97 9.18
N ILE A 26 1.38 12.74 8.66
CA ILE A 26 2.54 12.34 7.86
C ILE A 26 2.08 12.02 6.44
N PRO A 27 2.95 12.22 5.45
CA PRO A 27 2.63 11.85 4.07
C PRO A 27 2.66 10.34 3.83
N GLN A 28 1.85 9.89 2.87
CA GLN A 28 1.86 8.50 2.47
C GLN A 28 2.82 8.38 1.30
N ILE A 29 3.73 7.41 1.37
CA ILE A 29 4.58 7.10 0.23
C ILE A 29 4.16 5.76 -0.37
N SER A 30 3.45 5.84 -1.48
CA SER A 30 2.90 4.65 -2.13
C SER A 30 3.61 4.43 -3.45
N THR A 31 4.38 3.35 -3.54
CA THR A 31 5.09 3.03 -4.78
C THR A 31 4.12 2.82 -5.96
N GLY A 32 2.97 2.20 -5.71
CA GLY A 32 1.96 2.05 -6.76
C GLY A 32 1.48 3.40 -7.30
N ASP A 33 1.27 4.37 -6.42
CA ASP A 33 0.80 5.70 -6.83
C ASP A 33 1.91 6.44 -7.59
N MET A 34 3.15 6.27 -7.15
CA MET A 34 4.27 6.89 -7.85
C MET A 34 4.43 6.32 -9.26
N LEU A 35 4.26 5.01 -9.39
CA LEU A 35 4.32 4.37 -10.70
C LEU A 35 3.17 4.83 -11.60
N ARG A 36 1.97 4.91 -11.04
CA ARG A 36 0.82 5.40 -11.81
C ARG A 36 0.98 6.86 -12.21
N ALA A 37 1.74 7.63 -11.43
CA ALA A 37 2.02 9.02 -11.76
C ALA A 37 2.95 9.09 -12.98
N ALA A 38 3.92 8.18 -13.02
CA ALA A 38 4.87 8.12 -14.14
C ALA A 38 4.15 7.66 -15.40
N ILE A 39 3.21 6.74 -15.25
CA ILE A 39 2.41 6.31 -16.38
C ILE A 39 1.61 7.50 -16.94
N LYS A 40 0.98 8.27 -16.06
CA LYS A 40 0.20 9.43 -16.47
C LYS A 40 1.05 10.47 -17.21
N ALA A 41 2.27 10.66 -16.74
CA ALA A 41 3.18 11.63 -17.33
C ALA A 41 3.78 11.11 -18.65
N GLY A 42 3.60 9.81 -18.90
CA GLY A 42 4.07 9.20 -20.13
C GLY A 42 5.59 9.09 -20.25
N THR A 43 6.26 8.94 -19.11
CA THR A 43 7.71 8.74 -19.11
C THR A 43 8.08 7.36 -19.63
N GLU A 44 9.36 7.20 -19.96
CA GLU A 44 9.90 5.89 -20.30
C GLU A 44 9.69 4.91 -19.13
N LEU A 45 9.92 5.37 -17.91
CA LEU A 45 9.60 4.57 -16.71
C LEU A 45 8.11 4.16 -16.70
N GLY A 46 7.23 5.14 -16.93
CA GLY A 46 5.80 4.88 -17.04
C GLY A 46 5.40 3.84 -18.08
N LYS A 47 5.95 3.97 -19.29
CA LYS A 47 5.65 3.04 -20.37
C LYS A 47 6.07 1.61 -20.01
N GLN A 48 7.25 1.46 -19.41
CA GLN A 48 7.74 0.14 -19.02
C GLN A 48 6.95 -0.44 -17.85
N ALA A 49 6.61 0.41 -16.89
CA ALA A 49 5.91 -0.05 -15.70
C ALA A 49 4.49 -0.47 -15.99
N LYS A 50 3.85 0.19 -16.97
CA LYS A 50 2.47 -0.12 -17.28
C LYS A 50 2.22 -1.58 -17.62
N SER A 51 3.11 -2.18 -18.44
CA SER A 51 2.90 -3.57 -18.82
C SER A 51 3.18 -4.54 -17.67
N VAL A 52 4.17 -4.23 -16.84
CA VAL A 52 4.44 -5.01 -15.63
C VAL A 52 3.24 -4.97 -14.68
N ILE A 53 2.75 -3.77 -14.40
CA ILE A 53 1.61 -3.60 -13.51
C ILE A 53 0.37 -4.33 -14.07
N ASP A 54 0.16 -4.21 -15.38
CA ASP A 54 -1.00 -4.84 -16.00
C ASP A 54 -0.91 -6.37 -15.97
N ALA A 55 0.30 -6.92 -15.93
CA ALA A 55 0.51 -8.36 -15.82
C ALA A 55 0.39 -8.85 -14.38
N GLY A 56 0.30 -7.92 -13.43
CA GLY A 56 0.22 -8.28 -12.03
C GLY A 56 1.58 -8.62 -11.42
N GLN A 57 2.65 -8.29 -12.13
CA GLN A 57 4.02 -8.62 -11.68
C GLN A 57 4.64 -7.44 -10.94
N LEU A 58 5.80 -7.66 -10.33
CA LEU A 58 6.46 -6.59 -9.57
C LEU A 58 7.48 -5.84 -10.43
N VAL A 59 7.52 -4.53 -10.26
CA VAL A 59 8.53 -3.70 -10.90
C VAL A 59 9.88 -3.98 -10.21
N SER A 60 10.97 -3.82 -10.94
CA SER A 60 12.31 -4.13 -10.43
C SER A 60 12.64 -3.43 -9.10
N ASP A 61 13.30 -4.15 -8.21
CA ASP A 61 13.69 -3.64 -6.89
C ASP A 61 14.55 -2.38 -7.08
N ASP A 62 15.42 -2.39 -8.08
CA ASP A 62 16.31 -1.25 -8.27
C ASP A 62 15.56 0.04 -8.64
N ILE A 63 14.59 -0.07 -9.53
CA ILE A 63 13.79 1.09 -9.92
C ILE A 63 12.99 1.59 -8.72
N ILE A 64 12.38 0.65 -7.99
CA ILE A 64 11.60 1.00 -6.80
C ILE A 64 12.44 1.71 -5.73
N LEU A 65 13.61 1.15 -5.40
CA LEU A 65 14.41 1.69 -4.31
C LEU A 65 14.85 3.12 -4.59
N GLY A 66 15.13 3.41 -5.86
CA GLY A 66 15.49 4.75 -6.30
C GLY A 66 14.34 5.75 -6.25
N LEU A 67 13.13 5.32 -6.65
CA LEU A 67 11.95 6.16 -6.48
C LEU A 67 11.74 6.52 -5.00
N VAL A 68 11.83 5.52 -4.13
CA VAL A 68 11.62 5.72 -2.69
C VAL A 68 12.69 6.62 -2.07
N LYS A 69 13.95 6.41 -2.47
CA LYS A 69 15.07 7.22 -1.97
C LYS A 69 14.85 8.70 -2.26
N GLU A 70 14.48 8.99 -3.50
CA GLU A 70 14.22 10.36 -3.94
C GLU A 70 13.04 10.95 -3.19
N ARG A 71 12.00 10.16 -3.02
CA ARG A 71 10.77 10.61 -2.39
C ARG A 71 10.99 10.98 -0.93
N ILE A 72 11.64 10.09 -0.18
CA ILE A 72 11.75 10.31 1.26
C ILE A 72 12.77 11.37 1.60
N ALA A 73 13.53 11.81 0.60
CA ALA A 73 14.51 12.87 0.81
C ALA A 73 13.84 14.24 0.74
N GLN A 74 12.59 14.27 0.29
CA GLN A 74 11.81 15.52 0.26
C GLN A 74 11.50 16.04 1.66
N ASP A 75 11.21 17.33 1.75
CA ASP A 75 11.06 18.03 3.04
C ASP A 75 9.85 17.55 3.84
N ASP A 76 8.75 17.25 3.13
CA ASP A 76 7.54 16.76 3.79
C ASP A 76 7.72 15.42 4.50
N CYS A 77 8.82 14.71 4.22
CA CYS A 77 9.11 13.44 4.90
C CYS A 77 10.09 13.56 6.07
N ALA A 78 10.53 14.77 6.39
CA ALA A 78 11.52 14.98 7.45
C ALA A 78 11.01 14.57 8.83
N LYS A 79 9.73 14.80 9.10
CA LYS A 79 9.15 14.43 10.40
C LYS A 79 8.39 13.10 10.37
N GLY A 80 8.57 12.32 9.31
CA GLY A 80 7.97 11.00 9.26
C GLY A 80 7.21 10.74 7.97
N PHE A 81 6.79 9.49 7.80
CA PHE A 81 6.11 9.08 6.59
C PHE A 81 5.47 7.72 6.76
N LEU A 82 4.48 7.42 5.93
N LEU A 82 4.54 7.41 5.87
CA LEU A 82 3.89 6.10 5.89
CA LEU A 82 3.85 6.13 5.85
C LEU A 82 4.23 5.41 4.57
C LEU A 82 4.17 5.39 4.55
N LEU A 83 4.80 4.22 4.66
CA LEU A 83 5.17 3.45 3.49
C LEU A 83 4.04 2.47 3.18
N ASP A 84 3.52 2.55 1.96
CA ASP A 84 2.29 1.85 1.61
C ASP A 84 2.47 1.09 0.31
N GLY A 85 2.71 -0.22 0.40
CA GLY A 85 3.02 -1.02 -0.77
C GLY A 85 4.52 -1.12 -0.98
N PHE A 86 5.26 -0.55 -0.02
CA PHE A 86 6.72 -0.65 0.03
C PHE A 86 7.14 -0.86 1.48
N PRO A 87 8.08 -1.79 1.74
CA PRO A 87 8.73 -2.69 0.78
C PRO A 87 7.77 -3.78 0.31
N ARG A 88 8.10 -4.40 -0.81
CA ARG A 88 7.26 -5.42 -1.43
C ARG A 88 8.04 -6.73 -1.58
N THR A 89 9.35 -6.67 -1.36
CA THR A 89 10.20 -7.84 -1.49
C THR A 89 11.27 -7.80 -0.41
N ILE A 90 11.94 -8.91 -0.16
CA ILE A 90 13.04 -8.93 0.81
C ILE A 90 14.18 -7.96 0.45
N PRO A 91 14.65 -7.96 -0.83
CA PRO A 91 15.67 -6.99 -1.21
C PRO A 91 15.28 -5.52 -0.99
N GLN A 92 14.00 -5.19 -1.15
CA GLN A 92 13.55 -3.82 -0.86
C GLN A 92 13.67 -3.51 0.63
N ALA A 93 13.31 -4.48 1.47
CA ALA A 93 13.43 -4.32 2.92
C ALA A 93 14.89 -4.17 3.35
N ASP A 94 15.76 -4.98 2.76
CA ASP A 94 17.20 -4.88 3.02
C ASP A 94 17.79 -3.55 2.57
N GLY A 95 17.33 -3.07 1.42
CA GLY A 95 17.75 -1.77 0.91
C GLY A 95 17.42 -0.68 1.90
N LEU A 96 16.25 -0.80 2.51
CA LEU A 96 15.80 0.16 3.50
C LEU A 96 16.61 0.05 4.80
N LYS A 97 16.84 -1.19 5.23
CA LYS A 97 17.61 -1.43 6.45
C LYS A 97 19.07 -0.99 6.30
N GLU A 98 19.63 -1.23 5.12
CA GLU A 98 21.03 -0.91 4.82
C GLU A 98 21.32 0.60 4.91
N VAL A 99 20.37 1.42 4.49
CA VAL A 99 20.55 2.88 4.57
C VAL A 99 20.09 3.41 5.93
N GLY A 100 19.80 2.50 6.85
CA GLY A 100 19.55 2.84 8.24
C GLY A 100 18.22 3.50 8.48
N VAL A 101 17.30 3.40 7.52
CA VAL A 101 15.94 3.86 7.75
C VAL A 101 15.29 2.96 8.81
N VAL A 102 15.07 3.53 9.98
CA VAL A 102 14.42 2.84 11.08
C VAL A 102 12.95 3.27 11.16
N VAL A 103 12.03 2.32 11.37
CA VAL A 103 10.61 2.67 11.46
C VAL A 103 10.01 2.33 12.82
N ASP A 104 8.94 3.02 13.17
CA ASP A 104 8.33 2.89 14.49
C ASP A 104 7.35 1.74 14.56
N TYR A 105 6.54 1.59 13.52
CA TYR A 105 5.54 0.53 13.47
C TYR A 105 5.53 -0.18 12.14
N VAL A 106 5.35 -1.50 12.21
CA VAL A 106 5.03 -2.27 11.01
C VAL A 106 3.67 -2.88 11.29
N ILE A 107 2.73 -2.59 10.41
CA ILE A 107 1.35 -2.97 10.65
C ILE A 107 0.87 -3.92 9.57
N GLU A 108 0.45 -5.11 9.99
CA GLU A 108 0.05 -6.15 9.06
C GLU A 108 -1.47 -6.26 9.06
N PHE A 109 -2.07 -6.20 7.87
CA PHE A 109 -3.52 -6.43 7.70
C PHE A 109 -3.71 -7.79 7.08
N ASP A 110 -4.20 -8.72 7.89
CA ASP A 110 -4.27 -10.12 7.49
C ASP A 110 -5.64 -10.42 6.88
N VAL A 111 -5.65 -10.73 5.59
CA VAL A 111 -6.88 -10.97 4.84
C VAL A 111 -6.71 -12.14 3.87
N ALA A 112 -7.59 -13.13 3.95
CA ALA A 112 -7.51 -14.33 3.10
C ALA A 112 -7.74 -14.01 1.62
N ASP A 113 -7.12 -14.83 0.75
CA ASP A 113 -7.25 -14.71 -0.70
C ASP A 113 -8.69 -14.68 -1.18
N SER A 114 -9.54 -15.49 -0.56
CA SER A 114 -10.92 -15.61 -1.02
C SER A 114 -11.62 -14.27 -0.79
N VAL A 115 -11.26 -13.61 0.31
CA VAL A 115 -11.83 -12.31 0.64
C VAL A 115 -11.34 -11.24 -0.33
N ILE A 116 -10.04 -11.25 -0.63
CA ILE A 116 -9.45 -10.37 -1.63
C ILE A 116 -10.12 -10.49 -3.00
N VAL A 117 -10.31 -11.72 -3.45
CA VAL A 117 -10.91 -11.97 -4.76
C VAL A 117 -12.32 -11.37 -4.81
N GLU A 118 -13.08 -11.57 -3.73
CA GLU A 118 -14.37 -10.93 -3.52
C GLU A 118 -14.30 -9.39 -3.62
N ARG A 119 -13.32 -8.81 -2.93
CA ARG A 119 -13.21 -7.34 -2.79
C ARG A 119 -12.87 -6.59 -4.06
N MET A 120 -11.96 -7.15 -4.86
CA MET A 120 -11.43 -6.43 -6.01
C MET A 120 -12.49 -6.03 -7.03
N ALA A 121 -13.58 -6.80 -7.10
CA ALA A 121 -14.64 -6.56 -8.08
C ALA A 121 -15.29 -5.16 -7.99
N GLY A 122 -15.43 -4.63 -6.79
CA GLY A 122 -16.06 -3.33 -6.62
C GLY A 122 -15.11 -2.19 -6.25
N ARG A 123 -13.80 -2.45 -6.32
CA ARG A 123 -12.83 -1.38 -6.09
C ARG A 123 -12.89 -0.31 -7.17
N ARG A 124 -12.95 0.95 -6.75
CA ARG A 124 -12.84 2.09 -7.65
C ARG A 124 -11.74 3.00 -7.08
N ALA A 125 -10.96 3.59 -7.97
CA ALA A 125 -9.77 4.31 -7.57
C ALA A 125 -9.71 5.71 -8.17
N HIS A 126 -9.15 6.63 -7.39
CA HIS A 126 -8.78 7.93 -7.88
C HIS A 126 -7.28 7.89 -8.13
N LEU A 127 -6.88 7.78 -9.40
CA LEU A 127 -5.48 7.55 -9.75
C LEU A 127 -4.50 8.60 -9.22
N ALA A 128 -4.81 9.88 -9.42
CA ALA A 128 -3.88 10.94 -9.01
C ALA A 128 -3.51 10.92 -7.52
N SER A 129 -4.46 10.57 -6.65
CA SER A 129 -4.19 10.59 -5.20
C SER A 129 -3.95 9.21 -4.60
N GLY A 130 -4.42 8.18 -5.31
CA GLY A 130 -4.37 6.83 -4.77
C GLY A 130 -5.50 6.50 -3.81
N ARG A 131 -6.45 7.42 -3.61
CA ARG A 131 -7.60 7.10 -2.75
C ARG A 131 -8.41 6.01 -3.45
N THR A 132 -8.85 5.01 -2.69
CA THR A 132 -9.69 3.95 -3.26
C THR A 132 -11.00 3.85 -2.51
N TYR A 133 -12.01 3.32 -3.20
CA TYR A 133 -13.37 3.24 -2.67
C TYR A 133 -13.86 1.85 -3.02
N HIS A 134 -14.97 1.45 -2.41
CA HIS A 134 -15.59 0.18 -2.78
C HIS A 134 -17.09 0.40 -2.90
N ASN A 135 -17.67 0.04 -4.04
CA ASN A 135 -19.07 0.38 -4.29
C ASN A 135 -20.06 -0.30 -3.34
N VAL A 136 -19.58 -1.29 -2.60
CA VAL A 136 -20.35 -1.92 -1.55
C VAL A 136 -19.83 -1.59 -0.15
N TYR A 137 -18.52 -1.78 0.07
CA TYR A 137 -17.98 -1.71 1.43
C TYR A 137 -17.58 -0.32 1.91
N ASN A 138 -17.38 0.61 0.98
CA ASN A 138 -16.87 1.93 1.32
C ASN A 138 -17.05 2.91 0.15
N PRO A 139 -18.32 3.21 -0.20
CA PRO A 139 -18.56 3.95 -1.44
C PRO A 139 -18.15 5.42 -1.36
N PRO A 140 -17.92 6.03 -2.52
CA PRO A 140 -17.74 7.49 -2.54
C PRO A 140 -19.07 8.14 -2.16
N LYS A 141 -19.03 9.38 -1.66
N LYS A 141 -19.03 9.38 -1.67
CA LYS A 141 -20.23 10.09 -1.26
CA LYS A 141 -20.24 10.07 -1.26
C LYS A 141 -21.08 10.40 -2.49
C LYS A 141 -21.07 10.44 -2.48
N VAL A 142 -20.41 10.58 -3.62
CA VAL A 142 -21.08 10.80 -4.89
C VAL A 142 -20.58 9.73 -5.84
N GLU A 143 -21.48 8.90 -6.36
CA GLU A 143 -21.06 7.76 -7.19
C GLU A 143 -20.14 8.15 -8.35
N GLY A 144 -19.06 7.39 -8.52
CA GLY A 144 -18.15 7.57 -9.63
C GLY A 144 -17.16 8.71 -9.47
N LYS A 145 -17.19 9.40 -8.32
CA LYS A 145 -16.35 10.58 -8.15
C LYS A 145 -15.59 10.60 -6.82
N ASP A 146 -14.40 11.18 -6.85
CA ASP A 146 -13.55 11.32 -5.66
C ASP A 146 -14.15 12.32 -4.67
N ASP A 147 -14.14 11.96 -3.39
CA ASP A 147 -14.74 12.76 -2.32
C ASP A 147 -14.00 14.08 -2.13
N VAL A 148 -12.72 14.12 -2.51
CA VAL A 148 -11.85 15.24 -2.19
C VAL A 148 -11.77 16.22 -3.37
N THR A 149 -11.64 15.68 -4.58
CA THR A 149 -11.31 16.50 -5.74
C THR A 149 -12.46 16.59 -6.74
N GLY A 150 -13.40 15.66 -6.64
CA GLY A 150 -14.53 15.59 -7.56
C GLY A 150 -14.18 14.91 -8.87
N GLU A 151 -12.92 14.50 -9.02
CA GLU A 151 -12.46 13.88 -10.27
C GLU A 151 -13.02 12.47 -10.41
N ASP A 152 -13.06 11.98 -11.66
CA ASP A 152 -13.62 10.67 -11.96
C ASP A 152 -12.83 9.51 -11.34
N LEU A 153 -13.55 8.49 -10.86
CA LEU A 153 -12.88 7.29 -10.37
C LEU A 153 -12.81 6.31 -11.52
N VAL A 154 -11.88 5.36 -11.44
CA VAL A 154 -11.74 4.36 -12.49
C VAL A 154 -11.72 2.93 -11.93
N ILE A 155 -12.00 1.98 -12.81
CA ILE A 155 -11.72 0.58 -12.52
C ILE A 155 -10.27 0.33 -12.92
N ARG A 156 -9.48 -0.24 -12.02
CA ARG A 156 -8.08 -0.48 -12.33
C ARG A 156 -7.95 -1.70 -13.24
N GLU A 157 -7.08 -1.60 -14.23
CA GLU A 157 -6.82 -2.70 -15.14
C GLU A 157 -6.30 -3.93 -14.39
N ASP A 158 -5.47 -3.72 -13.37
CA ASP A 158 -4.91 -4.85 -12.62
C ASP A 158 -5.89 -5.43 -11.59
N ASP A 159 -7.08 -4.83 -11.50
CA ASP A 159 -8.10 -5.35 -10.61
C ASP A 159 -8.99 -6.40 -11.27
N LYS A 160 -8.80 -6.63 -12.57
N LYS A 160 -8.74 -6.65 -12.56
CA LYS A 160 -9.60 -7.66 -13.22
CA LYS A 160 -9.39 -7.74 -13.29
C LYS A 160 -9.23 -9.06 -12.70
C LYS A 160 -9.23 -9.06 -12.54
N GLU A 161 -10.25 -9.90 -12.61
CA GLU A 161 -10.22 -11.22 -11.95
C GLU A 161 -8.93 -12.03 -12.09
N GLU A 162 -8.51 -12.27 -13.32
CA GLU A 162 -7.32 -13.08 -13.57
C GLU A 162 -6.03 -12.41 -13.09
N THR A 163 -5.94 -11.08 -13.21
CA THR A 163 -4.74 -10.37 -12.77
C THR A 163 -4.63 -10.38 -11.24
N VAL A 164 -5.78 -10.36 -10.58
CA VAL A 164 -5.82 -10.41 -9.12
C VAL A 164 -5.25 -11.73 -8.61
N LEU A 165 -5.58 -12.82 -9.30
CA LEU A 165 -5.05 -14.14 -8.94
C LEU A 165 -3.53 -14.15 -9.15
N ALA A 166 -3.09 -13.53 -10.23
CA ALA A 166 -1.66 -13.37 -10.50
C ALA A 166 -0.96 -12.61 -9.36
N ARG A 167 -1.55 -11.48 -8.95
CA ARG A 167 -0.98 -10.64 -7.89
C ARG A 167 -0.92 -11.33 -6.52
N LEU A 168 -1.93 -12.14 -6.23
CA LEU A 168 -1.97 -12.90 -4.98
C LEU A 168 -0.89 -13.97 -4.96
N GLY A 169 -0.62 -14.58 -6.11
CA GLY A 169 0.48 -15.54 -6.23
C GLY A 169 1.82 -14.85 -6.07
N VAL A 170 1.99 -13.70 -6.72
CA VAL A 170 3.20 -12.90 -6.53
C VAL A 170 3.35 -12.52 -5.05
N TYR A 171 2.26 -12.08 -4.42
CA TYR A 171 2.29 -11.71 -3.01
C TYR A 171 2.74 -12.86 -2.11
N HIS A 172 2.14 -14.03 -2.28
N HIS A 172 2.10 -14.02 -2.29
CA HIS A 172 2.46 -15.14 -1.39
CA HIS A 172 2.39 -15.23 -1.52
C HIS A 172 3.90 -15.62 -1.58
C HIS A 172 3.87 -15.57 -1.59
N ASN A 173 4.40 -15.54 -2.81
CA ASN A 173 5.79 -15.87 -3.08
C ASN A 173 6.85 -14.83 -2.65
N GLN A 174 6.60 -13.57 -2.96
CA GLN A 174 7.63 -12.54 -2.82
C GLN A 174 7.43 -11.57 -1.67
N THR A 175 6.18 -11.33 -1.30
CA THR A 175 5.89 -10.25 -0.36
C THR A 175 5.50 -10.73 1.04
N ALA A 176 4.76 -11.85 1.12
CA ALA A 176 4.46 -12.44 2.44
C ALA A 176 5.68 -12.70 3.36
N PRO A 177 6.87 -13.03 2.79
CA PRO A 177 8.01 -13.20 3.70
C PRO A 177 8.40 -11.95 4.49
N LEU A 178 7.87 -10.78 4.13
CA LEU A 178 8.11 -9.55 4.90
C LEU A 178 7.48 -9.63 6.28
N ILE A 179 6.45 -10.46 6.44
CA ILE A 179 5.83 -10.67 7.74
C ILE A 179 6.87 -11.24 8.71
N ALA A 180 7.57 -12.30 8.28
CA ALA A 180 8.69 -12.86 9.04
C ALA A 180 9.80 -11.83 9.23
N TYR A 181 10.12 -11.12 8.15
CA TYR A 181 11.25 -10.20 8.15
C TYR A 181 11.06 -9.14 9.22
N TYR A 182 9.89 -8.53 9.25
CA TYR A 182 9.62 -7.50 10.24
C TYR A 182 9.25 -8.01 11.64
N GLY A 183 8.67 -9.21 11.70
CA GLY A 183 8.52 -9.90 12.98
C GLY A 183 9.89 -10.06 13.65
N LYS A 184 10.91 -10.39 12.86
CA LYS A 184 12.27 -10.48 13.36
C LYS A 184 12.84 -9.13 13.79
N GLU A 185 12.62 -8.10 12.98
CA GLU A 185 13.03 -6.74 13.33
C GLU A 185 12.42 -6.31 14.66
N ALA A 186 11.14 -6.62 14.87
CA ALA A 186 10.45 -6.27 16.10
C ALA A 186 11.03 -7.06 17.28
N GLU A 187 11.40 -8.31 17.03
CA GLU A 187 12.03 -9.14 18.07
C GLU A 187 13.39 -8.60 18.48
N ALA A 188 14.07 -7.94 17.55
CA ALA A 188 15.33 -7.27 17.84
C ALA A 188 15.16 -5.90 18.51
N GLY A 189 13.91 -5.47 18.67
CA GLY A 189 13.61 -4.18 19.27
C GLY A 189 13.80 -3.00 18.32
N ASN A 190 13.80 -3.28 17.01
CA ASN A 190 13.99 -2.23 15.99
C ASN A 190 12.68 -1.57 15.53
N THR A 191 11.57 -2.18 15.88
N THR A 191 11.55 -2.17 15.88
CA THR A 191 10.25 -1.65 15.52
CA THR A 191 10.25 -1.68 15.47
C THR A 191 9.18 -2.30 16.40
C THR A 191 9.17 -2.32 16.37
N GLN A 192 7.98 -1.73 16.40
CA GLN A 192 6.82 -2.37 17.02
C GLN A 192 6.07 -3.09 15.90
N TYR A 193 5.62 -4.31 16.14
CA TYR A 193 4.86 -5.05 15.14
C TYR A 193 3.41 -5.21 15.57
N LEU A 194 2.48 -4.84 14.69
CA LEU A 194 1.05 -5.00 14.96
C LEU A 194 0.37 -5.81 13.85
N LYS A 195 -0.47 -6.76 14.23
CA LYS A 195 -1.22 -7.51 13.24
C LYS A 195 -2.71 -7.39 13.53
N PHE A 196 -3.48 -7.10 12.47
CA PHE A 196 -4.92 -6.91 12.61
C PHE A 196 -5.66 -7.84 11.66
N ASP A 197 -6.85 -8.27 12.08
CA ASP A 197 -7.75 -8.99 11.18
C ASP A 197 -8.37 -7.99 10.23
N GLY A 198 -7.91 -7.99 8.99
CA GLY A 198 -8.34 -6.99 8.03
C GLY A 198 -9.65 -7.30 7.34
N THR A 199 -10.32 -8.38 7.74
CA THR A 199 -11.61 -8.71 7.14
C THR A 199 -12.77 -8.04 7.87
N LYS A 200 -12.48 -7.45 9.03
CA LYS A 200 -13.50 -6.67 9.74
C LYS A 200 -13.88 -5.45 8.89
N ALA A 201 -14.99 -4.79 9.26
CA ALA A 201 -15.46 -3.61 8.53
C ALA A 201 -14.43 -2.50 8.66
N VAL A 202 -14.39 -1.61 7.67
CA VAL A 202 -13.42 -0.51 7.62
C VAL A 202 -13.31 0.25 8.95
N ALA A 203 -14.46 0.69 9.46
CA ALA A 203 -14.51 1.45 10.71
C ALA A 203 -14.02 0.62 11.90
N GLU A 204 -14.22 -0.69 11.83
CA GLU A 204 -13.80 -1.56 12.91
C GLU A 204 -12.30 -1.71 12.90
N VAL A 205 -11.72 -1.88 11.71
CA VAL A 205 -10.26 -1.94 11.57
C VAL A 205 -9.64 -0.64 12.07
N SER A 206 -10.21 0.50 11.69
CA SER A 206 -9.67 1.80 12.10
C SER A 206 -9.73 1.99 13.61
N ALA A 207 -10.82 1.53 14.23
CA ALA A 207 -10.99 1.63 15.68
C ALA A 207 -9.90 0.85 16.41
N GLU A 208 -9.55 -0.32 15.90
CA GLU A 208 -8.51 -1.13 16.54
C GLU A 208 -7.12 -0.51 16.38
N LEU A 209 -6.86 0.08 15.22
CA LEU A 209 -5.63 0.82 14.94
C LEU A 209 -5.48 1.98 15.90
N GLU A 210 -6.56 2.71 16.09
CA GLU A 210 -6.60 3.85 17.00
C GLU A 210 -6.20 3.45 18.43
N LYS A 211 -6.79 2.36 18.92
CA LYS A 211 -6.49 1.83 20.25
C LYS A 211 -5.05 1.33 20.37
N ALA A 212 -4.51 0.78 19.30
CA ALA A 212 -3.20 0.13 19.32
C ALA A 212 -2.01 1.08 19.16
N LEU A 213 -2.22 2.18 18.43
CA LEU A 213 -1.17 3.18 18.23
C LEU A 213 -1.14 4.11 19.45
N ALA A 214 -0.26 5.11 19.42
CA ALA A 214 0.04 5.94 20.59
C ALA A 214 0.65 5.08 21.71
PB ADP B . -4.65 -2.12 -0.63
O1B ADP B . -4.39 -2.69 -1.99
O2B ADP B . -4.21 -3.02 0.51
O3B ADP B . -4.19 -0.67 -0.50
PA ADP B . -7.35 -0.94 -0.45
O1A ADP B . -7.40 -0.29 -1.82
O2A ADP B . -7.17 -0.11 0.80
O3A ADP B . -6.27 -2.17 -0.50
O5' ADP B . -8.71 -1.80 -0.30
C5' ADP B . -9.10 -2.75 -1.30
C4' ADP B . -10.60 -2.63 -1.63
O4' ADP B . -11.36 -3.08 -0.51
C3' ADP B . -11.04 -1.18 -1.86
O3' ADP B . -12.15 -1.21 -2.79
C2' ADP B . -11.50 -0.72 -0.48
O2' ADP B . -12.47 0.32 -0.55
C1' ADP B . -12.04 -2.00 0.14
N9 ADP B . -11.75 -2.17 1.59
C8 ADP B . -10.72 -1.63 2.28
N7 ADP B . -10.76 -2.01 3.59
C5 ADP B . -11.83 -2.83 3.73
C6 ADP B . -12.48 -3.59 4.82
N6 ADP B . -11.97 -3.56 6.08
N1 ADP B . -13.57 -4.32 4.53
C2 ADP B . -14.12 -4.36 3.30
N3 ADP B . -13.59 -3.69 2.25
C4 ADP B . -12.48 -2.93 2.41
P AMP C . -0.40 -1.08 -5.64
O1P AMP C . -1.41 -2.19 -5.40
O2P AMP C . -0.92 0.28 -6.02
O3P AMP C . 0.46 -0.88 -4.41
O5' AMP C . 0.66 -1.58 -6.72
C5' AMP C . 0.29 -1.72 -8.08
C4' AMP C . 1.37 -2.39 -8.87
O4' AMP C . 2.53 -1.50 -8.92
C3' AMP C . 1.92 -3.67 -8.30
O3' AMP C . 1.11 -4.81 -8.59
C2' AMP C . 3.30 -3.73 -8.92
O2' AMP C . 3.22 -4.08 -10.30
C1' AMP C . 3.71 -2.26 -8.84
N9 AMP C . 4.36 -1.95 -7.55
C8 AMP C . 3.89 -1.09 -6.62
N7 AMP C . 4.72 -1.02 -5.56
C5 AMP C . 5.76 -1.84 -5.82
C6 AMP C . 7.00 -2.24 -5.13
N6 AMP C . 7.31 -1.72 -3.91
N1 AMP C . 7.82 -3.12 -5.76
C2 AMP C . 7.54 -3.63 -6.99
N3 AMP C . 6.43 -3.30 -7.68
C4 AMP C . 5.52 -2.44 -7.15
P PO4 D . 6.56 11.10 16.52
O1 PO4 D . 6.57 11.89 15.23
O2 PO4 D . 7.37 11.84 17.57
O3 PO4 D . 5.13 10.94 16.98
O4 PO4 D . 7.18 9.74 16.28
#